data_6T3G
#
_entry.id   6T3G
#
_cell.length_a   62.530
_cell.length_b   88.860
_cell.length_c   60.570
_cell.angle_alpha   90.000
_cell.angle_beta   96.650
_cell.angle_gamma   90.000
#
_symmetry.space_group_name_H-M   'C 1 2 1'
#
loop_
_entity.id
_entity.type
_entity.pdbx_description
1 polymer 'Genome polyprotein'
2 polymer 'Genome polyprotein'
3 non-polymer 3-chloro-N-(1-hydroxy-2-methylpropan-2-yl)benzamide
4 non-polymer 'PHOSPHATE ION'
5 non-polymer 'DIMETHYL SULFOXIDE'
6 water water
#
loop_
_entity_poly.entity_id
_entity_poly.type
_entity_poly.pdbx_seq_one_letter_code
_entity_poly.pdbx_strand_id
1 'polypeptide(L)'
;APPTLWSRVTKFGSGWGFWVSPTVFITTTHVIPTSAKEFFGEPLTSIAIHRAGEFTLFRFSKKIRPDLTGMILEEGCPEG
TVCSVLIKRDSGELLPLAVRMGAIASMRIQGRLVHGQSGMLLTGANAKGMDLGTIPGDCGAPYVYKRANDWVVCGVHAAA
TKSGNTVVCAVQ
;
A
2 'polypeptide(L)'
;PTLWSRVTKFGSGWGFWVSPTVFITTTHVIPTSAKEFFGEPLTSIAIHRAGEFTLFRFSKKIRPDLTGMILEEGCPEGTV
CSVLIKRDSGELLPLAVRMGAIASMRIQGRLVHGQSGMLLTGANAKGMDLGTIPGDCGAPYVYKRANDWVVCGVHAAATK
SGNTVVCAVQA
;
B
#
loop_
_chem_comp.id
_chem_comp.type
_chem_comp.name
_chem_comp.formula
DMS non-polymer 'DIMETHYL SULFOXIDE' 'C2 H6 O S'
JOV non-polymer 3-chloro-N-(1-hydroxy-2-methylpropan-2-yl)benzamide 'C11 H14 Cl N O2'
PO4 non-polymer 'PHOSPHATE ION' 'O4 P -3'
#
# COMPACT_ATOMS: atom_id res chain seq x y z
N ALA A 1 -0.15 -8.67 -5.06
CA ALA A 1 -1.37 -9.41 -5.50
C ALA A 1 -1.13 -9.94 -6.92
N PRO A 2 -1.72 -11.06 -7.34
CA PRO A 2 -1.39 -11.66 -8.63
C PRO A 2 -1.73 -10.76 -9.81
N PRO A 3 -0.86 -10.74 -10.86
CA PRO A 3 -1.10 -9.97 -12.09
C PRO A 3 -2.48 -10.12 -12.73
N THR A 4 -3.07 -11.34 -12.66
CA THR A 4 -4.39 -11.63 -13.25
C THR A 4 -5.48 -10.86 -12.46
N LEU A 5 -5.31 -10.48 -11.18
CA LEU A 5 -6.30 -9.64 -10.50
C LEU A 5 -6.12 -8.17 -10.93
N TRP A 6 -4.86 -7.71 -11.05
CA TRP A 6 -4.63 -6.31 -11.49
C TRP A 6 -5.19 -6.08 -12.92
N SER A 7 -5.08 -7.05 -13.82
CA SER A 7 -5.53 -6.97 -15.22
CA SER A 7 -5.51 -6.92 -15.22
C SER A 7 -7.04 -6.73 -15.30
N ARG A 8 -7.79 -7.13 -14.26
CA ARG A 8 -9.27 -7.01 -14.22
C ARG A 8 -9.72 -5.60 -13.84
N VAL A 9 -8.83 -4.85 -13.20
CA VAL A 9 -9.12 -3.48 -12.66
C VAL A 9 -9.06 -2.49 -13.83
N THR A 10 -10.19 -1.86 -14.13
CA THR A 10 -10.45 -1.10 -15.39
C THR A 10 -10.86 0.32 -15.02
N LYS A 11 -10.24 1.31 -15.63
CA LYS A 11 -10.65 2.73 -15.41
C LYS A 11 -12.08 2.94 -15.97
N PHE A 12 -12.95 3.56 -15.18
CA PHE A 12 -14.41 3.57 -15.48
C PHE A 12 -15.06 4.78 -14.84
N GLY A 13 -15.67 5.62 -15.67
CA GLY A 13 -16.42 6.76 -15.15
C GLY A 13 -15.47 7.59 -14.29
N SER A 14 -15.91 7.98 -13.11
CA SER A 14 -15.09 8.79 -12.15
C SER A 14 -14.20 7.90 -11.26
N GLY A 15 -14.07 6.62 -11.57
CA GLY A 15 -13.31 5.69 -10.72
C GLY A 15 -12.89 4.44 -11.49
N TRP A 16 -13.35 3.28 -11.01
CA TRP A 16 -12.89 1.96 -11.47
C TRP A 16 -14.05 0.96 -11.51
N GLY A 17 -13.80 -0.14 -12.22
CA GLY A 17 -14.62 -1.36 -12.09
C GLY A 17 -13.77 -2.60 -12.25
N PHE A 18 -14.38 -3.78 -12.16
CA PHE A 18 -13.64 -5.06 -12.01
C PHE A 18 -14.32 -6.16 -12.81
N TRP A 19 -13.55 -6.85 -13.67
CA TRP A 19 -14.06 -8.02 -14.43
C TRP A 19 -13.96 -9.27 -13.56
N VAL A 20 -15.12 -9.82 -13.18
CA VAL A 20 -15.29 -11.09 -12.39
C VAL A 20 -15.11 -12.28 -13.35
N SER A 21 -15.49 -12.06 -14.59
CA SER A 21 -15.51 -13.09 -15.65
C SER A 21 -15.45 -12.41 -17.01
N PRO A 22 -15.35 -13.14 -18.15
CA PRO A 22 -15.46 -12.51 -19.47
C PRO A 22 -16.77 -11.74 -19.76
N THR A 23 -17.85 -11.98 -19.02
CA THR A 23 -19.19 -11.38 -19.25
C THR A 23 -19.70 -10.52 -18.07
N VAL A 24 -19.03 -10.54 -16.91
CA VAL A 24 -19.53 -9.89 -15.66
C VAL A 24 -18.53 -8.82 -15.18
N PHE A 25 -19.02 -7.59 -15.04
CA PHE A 25 -18.25 -6.39 -14.63
C PHE A 25 -18.96 -5.77 -13.42
N ILE A 26 -18.22 -5.48 -12.35
CA ILE A 26 -18.85 -4.87 -11.14
C ILE A 26 -18.24 -3.49 -10.89
N THR A 27 -19.00 -2.61 -10.26
CA THR A 27 -18.51 -1.25 -9.92
C THR A 27 -19.36 -0.63 -8.82
N THR A 28 -18.95 0.58 -8.41
CA THR A 28 -19.71 1.40 -7.45
C THR A 28 -20.71 2.25 -8.21
N THR A 29 -21.97 2.23 -7.78
CA THR A 29 -23.08 2.90 -8.50
C THR A 29 -22.72 4.35 -8.82
N HIS A 30 -22.21 5.13 -7.86
CA HIS A 30 -22.03 6.59 -8.08
C HIS A 30 -20.87 6.91 -9.06
N VAL A 31 -20.00 5.97 -9.48
CA VAL A 31 -18.94 6.37 -10.46
C VAL A 31 -19.46 6.23 -11.92
N ILE A 32 -20.59 5.57 -12.13
CA ILE A 32 -21.16 5.30 -13.50
C ILE A 32 -21.59 6.63 -14.12
N PRO A 33 -21.13 6.98 -15.35
CA PRO A 33 -21.65 8.19 -16.02
C PRO A 33 -23.18 8.09 -16.24
N THR A 34 -23.95 9.04 -15.69
CA THR A 34 -25.44 8.92 -15.71
C THR A 34 -25.98 9.04 -17.14
N SER A 35 -25.27 9.69 -18.06
CA SER A 35 -25.70 9.84 -19.48
C SER A 35 -25.38 8.60 -20.32
N ALA A 36 -24.59 7.62 -19.83
CA ALA A 36 -24.01 6.57 -20.70
C ALA A 36 -25.10 5.58 -21.18
N LYS A 37 -25.10 5.28 -22.49
CA LYS A 37 -26.07 4.41 -23.23
C LYS A 37 -25.34 3.25 -23.94
N GLU A 38 -24.00 3.20 -23.83
CA GLU A 38 -23.13 2.21 -24.51
C GLU A 38 -21.94 1.85 -23.60
N PHE A 39 -21.64 0.57 -23.42
CA PHE A 39 -20.51 0.09 -22.58
C PHE A 39 -19.75 -1.00 -23.34
N PHE A 40 -18.44 -0.81 -23.55
CA PHE A 40 -17.56 -1.79 -24.24
C PHE A 40 -18.17 -2.16 -25.62
N GLY A 41 -18.72 -1.17 -26.34
CA GLY A 41 -19.26 -1.36 -27.70
C GLY A 41 -20.66 -2.00 -27.75
N GLU A 42 -21.30 -2.24 -26.60
CA GLU A 42 -22.63 -2.90 -26.48
C GLU A 42 -23.68 -1.87 -26.05
N PRO A 43 -24.85 -1.84 -26.71
CA PRO A 43 -25.95 -0.96 -26.29
C PRO A 43 -26.57 -1.46 -24.97
N LEU A 44 -27.19 -0.53 -24.22
CA LEU A 44 -27.88 -0.83 -22.94
C LEU A 44 -28.82 -2.02 -23.09
N THR A 45 -29.49 -2.15 -24.24
CA THR A 45 -30.55 -3.17 -24.48
C THR A 45 -29.92 -4.57 -24.57
N SER A 46 -28.58 -4.71 -24.61
CA SER A 46 -27.90 -6.03 -24.64
C SER A 46 -27.24 -6.37 -23.29
N ILE A 47 -27.55 -5.60 -22.24
CA ILE A 47 -26.88 -5.70 -20.91
C ILE A 47 -27.94 -5.86 -19.81
N ALA A 48 -27.77 -6.84 -18.93
CA ALA A 48 -28.54 -7.05 -17.68
C ALA A 48 -27.81 -6.31 -16.58
N ILE A 49 -28.47 -5.36 -15.95
CA ILE A 49 -27.93 -4.56 -14.82
C ILE A 49 -28.65 -4.94 -13.53
N HIS A 50 -27.88 -5.32 -12.52
CA HIS A 50 -28.32 -5.70 -11.15
C HIS A 50 -27.77 -4.63 -10.19
N ARG A 51 -28.62 -3.82 -9.58
CA ARG A 51 -28.16 -2.71 -8.71
C ARG A 51 -28.73 -2.92 -7.30
N ALA A 52 -27.84 -2.93 -6.31
CA ALA A 52 -28.17 -2.92 -4.86
C ALA A 52 -27.48 -1.73 -4.21
N GLY A 53 -28.15 -0.60 -4.03
CA GLY A 53 -27.55 0.59 -3.38
C GLY A 53 -26.27 0.99 -4.10
N GLU A 54 -25.11 1.03 -3.42
CA GLU A 54 -23.82 1.43 -4.06
C GLU A 54 -23.14 0.30 -4.86
N PHE A 55 -23.72 -0.89 -4.94
CA PHE A 55 -23.18 -2.03 -5.74
C PHE A 55 -23.94 -2.15 -7.06
N THR A 56 -23.22 -2.14 -8.19
CA THR A 56 -23.84 -2.44 -9.52
C THR A 56 -23.08 -3.57 -10.22
N LEU A 57 -23.83 -4.53 -10.76
CA LEU A 57 -23.29 -5.64 -11.61
C LEU A 57 -23.86 -5.51 -13.03
N PHE A 58 -22.99 -5.56 -14.03
CA PHE A 58 -23.32 -5.59 -15.49
C PHE A 58 -23.08 -7.01 -16.00
N ARG A 59 -24.07 -7.65 -16.64
CA ARG A 59 -23.83 -8.97 -17.31
C ARG A 59 -24.08 -8.79 -18.83
N PHE A 60 -23.05 -9.06 -19.64
CA PHE A 60 -23.03 -8.84 -21.11
C PHE A 60 -23.52 -10.12 -21.78
N SER A 61 -24.05 -10.00 -23.00
N SER A 61 -24.09 -10.00 -22.99
CA SER A 61 -24.55 -11.12 -23.84
CA SER A 61 -24.54 -11.15 -23.81
C SER A 61 -23.44 -11.67 -24.77
C SER A 61 -23.34 -11.86 -24.46
N LYS A 62 -22.22 -11.15 -24.67
CA LYS A 62 -21.02 -11.67 -25.38
C LYS A 62 -19.80 -11.58 -24.45
N LYS A 63 -18.78 -12.39 -24.68
CA LYS A 63 -17.49 -12.30 -23.95
C LYS A 63 -16.76 -11.01 -24.34
N ILE A 64 -16.74 -10.05 -23.43
CA ILE A 64 -16.01 -8.76 -23.61
C ILE A 64 -14.54 -9.02 -23.23
N ARG A 65 -14.25 -9.87 -22.23
CA ARG A 65 -12.85 -10.10 -21.77
C ARG A 65 -12.57 -11.59 -21.86
N PRO A 66 -12.41 -12.18 -23.08
CA PRO A 66 -12.19 -13.63 -23.18
C PRO A 66 -10.82 -14.13 -22.69
N ASP A 67 -9.87 -13.21 -22.42
CA ASP A 67 -8.56 -13.54 -21.82
C ASP A 67 -8.72 -14.03 -20.37
N LEU A 68 -9.87 -13.76 -19.74
CA LEU A 68 -10.07 -13.99 -18.28
C LEU A 68 -10.76 -15.32 -17.97
N THR A 69 -10.44 -15.84 -16.80
CA THR A 69 -11.22 -16.92 -16.14
C THR A 69 -12.28 -16.28 -15.22
N GLY A 70 -13.46 -16.88 -15.13
CA GLY A 70 -14.42 -16.59 -14.05
C GLY A 70 -13.84 -16.86 -12.67
N MET A 71 -13.97 -15.94 -11.71
CA MET A 71 -13.54 -16.16 -10.30
C MET A 71 -14.75 -16.02 -9.35
N ILE A 72 -14.59 -16.35 -8.07
CA ILE A 72 -15.68 -16.33 -7.04
C ILE A 72 -15.93 -14.87 -6.60
N LEU A 73 -17.18 -14.42 -6.67
CA LEU A 73 -17.70 -13.19 -6.04
C LEU A 73 -18.61 -13.59 -4.88
N GLU A 74 -18.30 -13.09 -3.70
CA GLU A 74 -19.15 -13.32 -2.52
C GLU A 74 -19.73 -12.03 -1.95
N GLU A 75 -20.82 -12.16 -1.17
CA GLU A 75 -21.50 -11.02 -0.51
CA GLU A 75 -21.48 -10.99 -0.52
C GLU A 75 -20.71 -10.63 0.76
N GLY A 76 -19.67 -9.81 0.61
CA GLY A 76 -18.75 -9.50 1.72
C GLY A 76 -17.97 -10.72 2.19
N CYS A 77 -17.39 -10.61 3.39
CA CYS A 77 -16.51 -11.65 3.96
C CYS A 77 -16.71 -11.74 5.47
N PRO A 78 -16.21 -12.84 6.11
CA PRO A 78 -16.33 -12.99 7.56
C PRO A 78 -15.63 -11.84 8.30
N GLU A 79 -16.25 -11.36 9.40
CA GLU A 79 -15.62 -10.38 10.30
C GLU A 79 -14.21 -10.89 10.58
N GLY A 80 -13.25 -9.97 10.58
CA GLY A 80 -11.83 -10.26 10.89
C GLY A 80 -11.00 -10.65 9.69
N THR A 81 -11.60 -10.88 8.50
CA THR A 81 -10.85 -11.17 7.27
C THR A 81 -9.98 -9.96 6.94
N VAL A 82 -8.70 -10.17 6.65
CA VAL A 82 -7.83 -9.11 6.08
C VAL A 82 -7.87 -9.18 4.55
N CYS A 83 -8.29 -8.11 3.91
CA CYS A 83 -8.45 -7.96 2.44
C CYS A 83 -7.36 -6.96 1.94
N SER A 84 -7.14 -6.94 0.63
CA SER A 84 -6.40 -5.87 -0.06
C SER A 84 -7.41 -5.14 -0.97
N VAL A 85 -7.34 -3.81 -1.00
CA VAL A 85 -8.11 -2.98 -1.95
C VAL A 85 -7.16 -2.64 -3.13
N LEU A 86 -7.48 -3.09 -4.35
CA LEU A 86 -6.51 -3.00 -5.48
C LEU A 86 -6.66 -1.66 -6.19
N ILE A 87 -5.89 -0.67 -5.69
CA ILE A 87 -5.95 0.75 -6.12
C ILE A 87 -4.82 1.05 -7.13
N LYS A 88 -5.18 1.53 -8.33
CA LYS A 88 -4.18 2.04 -9.33
C LYS A 88 -3.97 3.54 -9.12
N ARG A 89 -2.70 3.97 -9.13
CA ARG A 89 -2.35 5.41 -8.93
C ARG A 89 -1.36 5.91 -10.00
N ASP A 90 -1.16 7.22 -10.04
CA ASP A 90 -0.34 8.00 -11.03
C ASP A 90 0.96 7.26 -11.34
N SER A 91 0.87 6.45 -12.42
CA SER A 91 1.87 6.04 -13.44
C SER A 91 2.33 4.59 -13.27
N GLY A 92 1.41 3.68 -13.58
CA GLY A 92 1.55 2.24 -13.34
C GLY A 92 1.93 1.95 -11.90
N GLU A 93 1.61 2.86 -10.95
CA GLU A 93 1.82 2.51 -9.53
C GLU A 93 0.59 1.76 -9.06
N LEU A 94 0.86 0.66 -8.39
CA LEU A 94 -0.17 -0.27 -7.85
C LEU A 94 -0.12 -0.23 -6.30
N LEU A 95 -1.25 0.03 -5.65
CA LEU A 95 -1.35 0.25 -4.18
C LEU A 95 -2.37 -0.74 -3.61
N PRO A 96 -1.95 -1.97 -3.19
CA PRO A 96 -2.86 -2.92 -2.55
C PRO A 96 -2.99 -2.66 -1.04
N LEU A 97 -3.90 -1.76 -0.68
CA LEU A 97 -4.06 -1.29 0.71
C LEU A 97 -4.67 -2.40 1.59
N ALA A 98 -4.02 -2.71 2.70
CA ALA A 98 -4.45 -3.76 3.65
C ALA A 98 -5.59 -3.21 4.54
N VAL A 99 -6.71 -3.93 4.64
N VAL A 99 -6.61 -4.03 4.73
CA VAL A 99 -7.92 -3.53 5.44
CA VAL A 99 -7.86 -3.60 5.42
C VAL A 99 -8.38 -4.74 6.28
C VAL A 99 -8.41 -4.76 6.27
N ARG A 100 -8.58 -4.55 7.59
CA ARG A 100 -9.28 -5.57 8.45
C ARG A 100 -10.80 -5.31 8.38
N MET A 101 -11.56 -6.30 7.92
CA MET A 101 -13.01 -6.13 7.67
C MET A 101 -13.80 -6.40 8.97
N GLY A 102 -14.86 -5.59 9.13
CA GLY A 102 -15.81 -5.59 10.26
C GLY A 102 -17.25 -5.90 9.91
N ALA A 103 -18.17 -5.24 10.59
CA ALA A 103 -19.64 -5.48 10.50
C ALA A 103 -20.22 -4.75 9.30
N ILE A 104 -21.34 -5.25 8.78
CA ILE A 104 -22.25 -4.47 7.89
C ILE A 104 -22.70 -3.21 8.65
N ALA A 105 -22.64 -2.06 8.00
CA ALA A 105 -22.80 -0.73 8.61
C ALA A 105 -23.54 0.24 7.69
N SER A 106 -24.25 1.16 8.32
CA SER A 106 -24.79 2.39 7.69
C SER A 106 -24.13 3.61 8.33
N MET A 107 -23.59 4.52 7.51
CA MET A 107 -22.84 5.70 7.96
C MET A 107 -23.22 6.94 7.14
N ARG A 108 -22.82 8.10 7.64
CA ARG A 108 -22.92 9.39 6.92
C ARG A 108 -21.50 9.94 6.75
N ILE A 109 -21.01 10.00 5.50
CA ILE A 109 -19.61 10.35 5.13
C ILE A 109 -19.67 11.53 4.18
N GLN A 110 -19.14 12.67 4.63
CA GLN A 110 -19.08 13.91 3.81
C GLN A 110 -20.53 14.23 3.44
N GLY A 111 -21.47 14.10 4.39
CA GLY A 111 -22.91 14.43 4.21
C GLY A 111 -23.73 13.33 3.56
N ARG A 112 -23.10 12.43 2.78
CA ARG A 112 -23.74 11.34 1.99
C ARG A 112 -24.03 10.09 2.86
N LEU A 113 -25.14 9.41 2.62
CA LEU A 113 -25.51 8.17 3.36
C LEU A 113 -24.98 6.97 2.56
N VAL A 114 -24.23 6.09 3.25
N VAL A 114 -24.19 6.11 3.22
CA VAL A 114 -23.50 4.94 2.64
CA VAL A 114 -23.54 4.93 2.59
C VAL A 114 -23.80 3.68 3.46
C VAL A 114 -23.79 3.68 3.44
N HIS A 115 -23.96 2.55 2.76
CA HIS A 115 -24.25 1.24 3.39
C HIS A 115 -23.33 0.20 2.74
N GLY A 116 -22.73 -0.68 3.53
CA GLY A 116 -21.92 -1.81 3.02
C GLY A 116 -21.12 -2.45 4.15
N GLN A 117 -20.09 -3.23 3.83
CA GLN A 117 -19.26 -3.82 4.90
C GLN A 117 -18.17 -2.82 5.29
N SER A 118 -18.14 -2.45 6.57
CA SER A 118 -17.09 -1.53 7.08
C SER A 118 -15.78 -2.27 7.20
N GLY A 119 -14.68 -1.51 7.22
CA GLY A 119 -13.32 -2.00 7.51
C GLY A 119 -12.39 -0.92 8.03
N MET A 120 -11.24 -1.33 8.57
CA MET A 120 -10.22 -0.37 9.10
C MET A 120 -8.90 -0.61 8.35
N LEU A 121 -8.37 0.43 7.72
CA LEU A 121 -7.07 0.33 7.03
C LEU A 121 -5.99 -0.07 8.04
N LEU A 122 -5.06 -0.90 7.58
CA LEU A 122 -3.88 -1.32 8.36
C LEU A 122 -2.61 -0.75 7.73
N THR A 123 -2.63 0.55 7.39
CA THR A 123 -1.53 1.20 6.61
C THR A 123 -0.74 2.21 7.47
N GLY A 124 -1.27 2.64 8.64
CA GLY A 124 -0.72 3.72 9.48
C GLY A 124 -1.62 4.03 10.67
N ALA A 125 -1.22 5.02 11.48
CA ALA A 125 -1.96 5.44 12.69
C ALA A 125 -3.34 5.97 12.24
N ASN A 126 -3.30 6.84 11.23
CA ASN A 126 -4.43 7.48 10.54
C ASN A 126 -4.09 7.49 9.05
N ALA A 127 -5.06 7.27 8.20
CA ALA A 127 -4.79 7.18 6.75
C ALA A 127 -5.19 8.48 6.03
N LYS A 128 -5.17 9.65 6.69
CA LYS A 128 -5.55 10.91 6.01
C LYS A 128 -4.57 11.09 4.83
N GLY A 129 -5.05 11.51 3.67
CA GLY A 129 -4.20 11.78 2.50
C GLY A 129 -3.92 10.58 1.60
N MET A 130 -3.19 10.81 0.50
CA MET A 130 -3.13 9.85 -0.64
C MET A 130 -1.93 8.86 -0.50
N ASP A 131 -1.02 9.08 0.45
CA ASP A 131 0.17 8.18 0.58
C ASP A 131 -0.21 6.89 1.33
N LEU A 132 -1.07 6.99 2.35
CA LEU A 132 -1.44 5.87 3.23
C LEU A 132 -2.94 5.51 3.07
N GLY A 133 -3.75 6.35 2.42
CA GLY A 133 -5.21 6.13 2.38
C GLY A 133 -5.82 6.30 1.01
N THR A 134 -7.15 6.28 0.98
CA THR A 134 -7.95 6.36 -0.27
C THR A 134 -8.25 7.83 -0.62
N ILE A 135 -8.58 8.04 -1.87
CA ILE A 135 -9.07 9.31 -2.47
C ILE A 135 -10.39 9.04 -3.18
N PRO A 136 -11.20 10.07 -3.46
CA PRO A 136 -12.47 9.86 -4.16
C PRO A 136 -12.41 9.07 -5.47
N GLY A 137 -11.36 9.28 -6.24
CA GLY A 137 -11.09 8.58 -7.51
C GLY A 137 -10.80 7.09 -7.37
N ASP A 138 -10.70 6.57 -6.14
CA ASP A 138 -10.43 5.12 -5.90
C ASP A 138 -11.75 4.35 -5.91
N CYS A 139 -12.90 5.04 -5.90
CA CYS A 139 -14.19 4.31 -5.78
C CYS A 139 -14.32 3.33 -6.94
N GLY A 140 -14.86 2.16 -6.64
CA GLY A 140 -15.00 1.03 -7.59
C GLY A 140 -13.86 0.03 -7.52
N ALA A 141 -12.75 0.32 -6.84
CA ALA A 141 -11.61 -0.63 -6.70
C ALA A 141 -12.08 -1.87 -5.94
N PRO A 142 -11.62 -3.09 -6.33
CA PRO A 142 -12.09 -4.28 -5.65
C PRO A 142 -11.41 -4.62 -4.31
N TYR A 143 -12.19 -5.22 -3.41
CA TYR A 143 -11.74 -5.84 -2.14
C TYR A 143 -11.55 -7.35 -2.43
N VAL A 144 -10.32 -7.84 -2.30
CA VAL A 144 -9.96 -9.26 -2.56
C VAL A 144 -9.23 -9.87 -1.37
N TYR A 145 -9.31 -11.20 -1.22
CA TYR A 145 -8.50 -11.92 -0.24
C TYR A 145 -8.21 -13.35 -0.73
N LYS A 146 -7.18 -13.94 -0.19
CA LYS A 146 -6.79 -15.32 -0.55
C LYS A 146 -7.35 -16.29 0.51
N ARG A 147 -8.06 -17.35 0.07
CA ARG A 147 -8.46 -18.52 0.91
C ARG A 147 -7.39 -19.57 0.65
N ALA A 148 -6.17 -19.25 1.11
CA ALA A 148 -4.88 -19.96 0.88
C ALA A 148 -5.09 -21.18 -0.02
N ASN A 149 -5.52 -20.92 -1.23
CA ASN A 149 -5.61 -21.87 -2.36
C ASN A 149 -6.11 -21.05 -3.55
N ASP A 150 -7.16 -20.26 -3.33
CA ASP A 150 -7.67 -19.32 -4.37
C ASP A 150 -7.98 -17.93 -3.82
N TRP A 151 -8.23 -17.01 -4.75
CA TRP A 151 -8.59 -15.62 -4.42
C TRP A 151 -10.10 -15.43 -4.59
N VAL A 152 -10.68 -14.52 -3.81
CA VAL A 152 -12.14 -14.20 -3.75
C VAL A 152 -12.22 -12.68 -3.91
N VAL A 153 -13.22 -12.18 -4.63
CA VAL A 153 -13.58 -10.74 -4.61
C VAL A 153 -14.88 -10.63 -3.81
N CYS A 154 -14.96 -9.69 -2.88
CA CYS A 154 -16.13 -9.63 -1.98
C CYS A 154 -16.80 -8.26 -1.99
N GLY A 155 -16.38 -7.35 -2.88
CA GLY A 155 -17.08 -6.06 -3.10
C GLY A 155 -16.19 -4.97 -3.70
N VAL A 156 -16.69 -3.73 -3.69
CA VAL A 156 -16.09 -2.58 -4.40
C VAL A 156 -16.05 -1.38 -3.46
N HIS A 157 -15.03 -0.58 -3.61
CA HIS A 157 -14.83 0.61 -2.72
C HIS A 157 -15.94 1.64 -2.95
N ALA A 158 -16.63 2.01 -1.87
CA ALA A 158 -17.75 2.96 -1.91
C ALA A 158 -17.42 4.32 -1.26
N ALA A 159 -16.73 4.33 -0.13
CA ALA A 159 -16.51 5.58 0.63
C ALA A 159 -15.44 5.36 1.69
N ALA A 160 -14.87 6.47 2.18
CA ALA A 160 -13.94 6.46 3.30
C ALA A 160 -14.13 7.76 4.08
N THR A 161 -13.87 7.70 5.38
CA THR A 161 -13.92 8.91 6.27
C THR A 161 -12.73 9.81 5.95
N LYS A 162 -12.98 11.12 6.05
CA LYS A 162 -12.00 12.19 5.72
C LYS A 162 -10.69 11.88 6.46
N SER A 163 -10.75 11.77 7.76
CA SER A 163 -9.51 11.94 8.56
C SER A 163 -9.43 10.69 9.41
N GLY A 164 -9.42 9.57 8.74
CA GLY A 164 -9.76 8.34 9.46
C GLY A 164 -9.10 7.11 8.86
N ASN A 165 -9.45 5.98 9.40
CA ASN A 165 -9.02 4.68 8.90
C ASN A 165 -10.22 3.94 8.33
N THR A 166 -11.45 4.46 8.42
CA THR A 166 -12.66 3.66 8.10
C THR A 166 -12.99 3.72 6.61
N VAL A 167 -13.23 2.56 6.01
CA VAL A 167 -13.65 2.39 4.59
C VAL A 167 -14.96 1.58 4.58
N VAL A 168 -15.74 1.72 3.49
CA VAL A 168 -16.95 0.93 3.23
C VAL A 168 -16.79 0.25 1.88
N CYS A 169 -16.96 -1.10 1.86
CA CYS A 169 -17.03 -2.01 0.69
C CYS A 169 -18.52 -2.22 0.34
N ALA A 170 -19.03 -1.75 -0.81
CA ALA A 170 -20.40 -2.13 -1.27
C ALA A 170 -20.39 -3.62 -1.66
N VAL A 171 -21.44 -4.35 -1.27
CA VAL A 171 -21.57 -5.82 -1.43
C VAL A 171 -22.85 -6.14 -2.19
N GLN A 172 -22.84 -7.30 -2.85
CA GLN A 172 -23.95 -7.84 -3.68
C GLN A 172 -25.13 -8.12 -2.73
N PRO B 1 3.57 15.97 -5.54
CA PRO B 1 4.39 15.87 -4.32
C PRO B 1 3.99 14.65 -3.45
N THR B 2 4.85 13.64 -3.31
CA THR B 2 4.51 12.40 -2.56
C THR B 2 5.76 11.82 -1.86
N LEU B 3 5.57 11.22 -0.68
CA LEU B 3 6.63 10.53 0.06
C LEU B 3 7.15 9.39 -0.83
N TRP B 4 6.29 8.78 -1.63
CA TRP B 4 6.67 7.55 -2.38
C TRP B 4 7.76 7.85 -3.43
N SER B 5 7.85 9.08 -3.96
CA SER B 5 8.88 9.47 -4.95
C SER B 5 10.26 9.42 -4.29
N ARG B 6 10.32 9.48 -2.95
CA ARG B 6 11.61 9.49 -2.20
C ARG B 6 12.18 8.07 -2.02
N VAL B 7 11.36 7.03 -2.20
CA VAL B 7 11.81 5.61 -2.02
C VAL B 7 12.43 5.14 -3.33
N THR B 8 13.70 4.72 -3.29
CA THR B 8 14.55 4.50 -4.51
C THR B 8 15.24 3.15 -4.42
N LYS B 9 15.24 2.38 -5.51
CA LYS B 9 15.96 1.09 -5.56
C LYS B 9 17.46 1.36 -5.42
N PHE B 10 18.13 0.58 -4.57
CA PHE B 10 19.55 0.83 -4.18
C PHE B 10 20.20 -0.47 -3.71
N GLY B 11 21.29 -0.86 -4.36
CA GLY B 11 22.02 -2.08 -4.02
C GLY B 11 21.10 -3.29 -4.00
N SER B 12 21.10 -4.03 -2.90
CA SER B 12 20.27 -5.27 -2.82
C SER B 12 18.89 -4.92 -2.22
N GLY B 13 18.61 -3.64 -1.94
CA GLY B 13 17.29 -3.25 -1.36
C GLY B 13 16.89 -1.86 -1.82
N TRP B 14 16.65 -0.94 -0.86
CA TRP B 14 16.03 0.37 -1.13
C TRP B 14 16.74 1.45 -0.30
N GLY B 15 16.43 2.72 -0.60
CA GLY B 15 16.73 3.80 0.37
C GLY B 15 15.78 4.97 0.19
N PHE B 16 15.99 6.05 0.94
CA PHE B 16 15.02 7.16 1.07
C PHE B 16 15.72 8.51 1.04
N TRP B 17 15.26 9.39 0.14
CA TRP B 17 15.71 10.81 0.07
C TRP B 17 15.02 11.63 1.18
N VAL B 18 15.80 12.03 2.17
CA VAL B 18 15.37 12.95 3.25
C VAL B 18 15.30 14.39 2.72
N SER B 19 16.19 14.73 1.81
CA SER B 19 16.34 16.09 1.27
C SER B 19 16.98 15.99 -0.11
N PRO B 20 17.14 17.12 -0.85
CA PRO B 20 17.85 17.03 -2.12
C PRO B 20 19.27 16.45 -2.04
N THR B 21 19.93 16.54 -0.88
CA THR B 21 21.34 16.09 -0.70
C THR B 21 21.50 14.91 0.27
N VAL B 22 20.46 14.47 0.97
CA VAL B 22 20.60 13.45 2.05
C VAL B 22 19.78 12.21 1.68
N PHE B 23 20.46 11.06 1.65
CA PHE B 23 19.89 9.72 1.34
C PHE B 23 20.23 8.75 2.49
N ILE B 24 19.24 8.02 3.03
CA ILE B 24 19.41 7.03 4.14
C ILE B 24 19.05 5.61 3.62
N THR B 25 19.75 4.59 4.12
CA THR B 25 19.54 3.19 3.72
C THR B 25 20.06 2.28 4.84
N THR B 26 19.88 0.98 4.61
CA THR B 26 20.32 -0.10 5.52
C THR B 26 21.73 -0.52 5.11
N THR B 27 22.66 -0.55 6.05
CA THR B 27 24.10 -0.72 5.77
C THR B 27 24.29 -1.99 4.90
N HIS B 28 23.64 -3.11 5.21
CA HIS B 28 23.96 -4.39 4.50
C HIS B 28 23.46 -4.39 3.04
N VAL B 29 22.60 -3.47 2.59
CA VAL B 29 22.16 -3.49 1.15
C VAL B 29 23.15 -2.71 0.27
N ILE B 30 24.08 -1.93 0.86
CA ILE B 30 24.95 -1.03 0.04
C ILE B 30 25.93 -1.87 -0.78
N PRO B 31 26.12 -1.59 -2.10
CA PRO B 31 27.21 -2.23 -2.85
C PRO B 31 28.56 -2.14 -2.14
N THR B 32 29.32 -3.24 -2.15
CA THR B 32 30.68 -3.25 -1.55
C THR B 32 31.76 -2.91 -2.60
N SER B 33 31.40 -2.81 -3.87
CA SER B 33 32.29 -2.35 -4.97
CA SER B 33 32.30 -2.33 -4.95
C SER B 33 31.62 -1.19 -5.71
N ALA B 34 32.16 0.04 -5.61
CA ALA B 34 31.54 1.20 -6.30
C ALA B 34 32.53 2.36 -6.46
N LYS B 35 32.44 3.13 -7.57
CA LYS B 35 33.19 4.41 -7.66
C LYS B 35 32.25 5.61 -7.73
N GLU B 36 30.94 5.43 -7.86
CA GLU B 36 29.96 6.56 -7.84
C GLU B 36 28.61 6.02 -7.39
N PHE B 37 27.75 6.90 -6.88
CA PHE B 37 26.31 6.63 -6.64
C PHE B 37 25.53 7.80 -7.21
N PHE B 38 24.49 7.52 -7.99
CA PHE B 38 23.60 8.53 -8.63
C PHE B 38 24.46 9.53 -9.40
N GLY B 39 25.50 9.05 -10.09
CA GLY B 39 26.31 9.85 -11.02
C GLY B 39 27.36 10.71 -10.32
N GLU B 40 27.46 10.63 -9.00
CA GLU B 40 28.37 11.48 -8.20
C GLU B 40 29.54 10.61 -7.76
N PRO B 41 30.81 11.04 -7.97
CA PRO B 41 31.96 10.24 -7.57
C PRO B 41 31.95 10.04 -6.04
N LEU B 42 32.27 8.82 -5.58
CA LEU B 42 32.33 8.53 -4.13
C LEU B 42 33.29 9.47 -3.41
N THR B 43 34.30 9.95 -4.12
CA THR B 43 35.21 11.07 -3.76
C THR B 43 34.47 12.23 -3.07
N SER B 44 33.24 12.57 -3.46
CA SER B 44 32.54 13.82 -3.03
C SER B 44 31.32 13.49 -2.15
N ILE B 45 31.23 12.26 -1.64
CA ILE B 45 30.09 11.83 -0.79
C ILE B 45 30.57 11.57 0.65
N ALA B 46 29.92 12.18 1.64
CA ALA B 46 30.13 11.91 3.08
C ALA B 46 29.29 10.71 3.47
N ILE B 47 29.89 9.68 4.09
CA ILE B 47 29.21 8.46 4.59
C ILE B 47 29.30 8.42 6.12
N HIS B 48 28.13 8.43 6.78
CA HIS B 48 27.96 8.27 8.26
C HIS B 48 27.27 6.93 8.54
N ARG B 49 27.99 5.98 9.12
CA ARG B 49 27.43 4.64 9.42
C ARG B 49 27.34 4.48 10.94
N ALA B 50 26.20 3.94 11.41
CA ALA B 50 25.97 3.47 12.79
C ALA B 50 25.24 2.14 12.74
N GLY B 51 25.98 1.02 12.90
CA GLY B 51 25.41 -0.33 12.76
C GLY B 51 24.71 -0.49 11.42
N GLU B 52 23.41 -0.81 11.45
CA GLU B 52 22.62 -1.12 10.22
C GLU B 52 21.98 0.16 9.64
N PHE B 53 22.30 1.36 10.18
CA PHE B 53 21.85 2.68 9.65
C PHE B 53 23.01 3.36 8.91
N THR B 54 22.83 3.73 7.63
CA THR B 54 23.84 4.56 6.91
C THR B 54 23.14 5.80 6.33
N LEU B 55 23.79 6.98 6.51
CA LEU B 55 23.40 8.26 5.86
C LEU B 55 24.49 8.70 4.87
N PHE B 56 24.04 9.04 3.65
CA PHE B 56 24.89 9.69 2.62
C PHE B 56 24.55 11.16 2.51
N ARG B 57 25.57 12.05 2.51
CA ARG B 57 25.41 13.50 2.23
CA ARG B 57 25.40 13.49 2.22
C ARG B 57 26.19 13.80 0.95
N PHE B 58 25.49 14.25 -0.11
CA PHE B 58 26.06 14.57 -1.44
C PHE B 58 26.51 16.04 -1.51
N SER B 59 27.50 16.35 -2.34
CA SER B 59 28.08 17.72 -2.46
CA SER B 59 28.06 17.73 -2.44
C SER B 59 27.24 18.60 -3.40
N LYS B 60 26.28 18.02 -4.13
CA LYS B 60 25.32 18.83 -4.92
C LYS B 60 23.91 18.23 -4.85
N LYS B 61 22.93 18.99 -5.37
CA LYS B 61 21.50 18.60 -5.25
C LYS B 61 21.21 17.48 -6.25
N ILE B 62 20.99 16.27 -5.75
CA ILE B 62 20.64 15.10 -6.62
C ILE B 62 19.13 15.12 -6.87
N ARG B 63 18.35 15.55 -5.88
CA ARG B 63 16.86 15.57 -5.97
C ARG B 63 16.35 16.97 -5.64
N PRO B 64 16.61 17.96 -6.53
CA PRO B 64 16.24 19.36 -6.29
C PRO B 64 14.71 19.56 -6.26
N ASP B 65 13.93 18.57 -6.74
CA ASP B 65 12.46 18.59 -6.69
C ASP B 65 11.92 18.43 -5.26
N LEU B 66 12.73 17.99 -4.29
CA LEU B 66 12.26 17.63 -2.92
C LEU B 66 12.54 18.74 -1.93
N THR B 67 11.69 18.84 -0.92
CA THR B 67 11.95 19.61 0.34
C THR B 67 12.64 18.69 1.38
N GLY B 68 13.36 19.28 2.31
CA GLY B 68 13.91 18.59 3.48
C GLY B 68 12.82 18.20 4.46
N MET B 69 12.90 16.98 4.96
CA MET B 69 12.00 16.37 5.98
C MET B 69 12.73 16.24 7.34
N ILE B 70 11.98 16.07 8.41
CA ILE B 70 12.47 15.75 9.80
C ILE B 70 12.91 14.29 9.86
N LEU B 71 14.18 14.09 10.22
CA LEU B 71 14.78 12.79 10.60
C LEU B 71 15.07 12.74 12.12
N GLU B 72 14.49 11.73 12.78
CA GLU B 72 14.67 11.54 14.24
C GLU B 72 15.22 10.15 14.55
N GLU B 73 15.81 9.97 15.75
CA GLU B 73 16.40 8.67 16.20
CA GLU B 73 16.40 8.67 16.20
C GLU B 73 15.27 7.80 16.76
N GLY B 74 14.54 7.12 15.89
CA GLY B 74 13.41 6.29 16.36
C GLY B 74 12.25 7.17 16.77
N CYS B 75 11.26 6.59 17.45
CA CYS B 75 10.01 7.28 17.84
C CYS B 75 9.54 6.76 19.20
N PRO B 76 8.57 7.44 19.86
CA PRO B 76 8.08 6.96 21.16
C PRO B 76 7.46 5.56 21.03
N GLU B 77 7.55 4.78 22.10
CA GLU B 77 6.91 3.45 22.16
C GLU B 77 5.39 3.63 22.03
N GLY B 78 4.77 2.77 21.25
CA GLY B 78 3.31 2.86 21.02
C GLY B 78 2.98 3.59 19.73
N THR B 79 3.92 4.35 19.17
CA THR B 79 3.68 5.04 17.88
C THR B 79 3.34 3.98 16.83
N VAL B 80 2.28 4.18 16.04
CA VAL B 80 2.00 3.37 14.84
C VAL B 80 2.67 4.04 13.63
N CYS B 81 3.84 3.51 13.25
CA CYS B 81 4.62 3.90 12.04
C CYS B 81 4.03 3.20 10.80
N SER B 82 4.39 3.73 9.62
CA SER B 82 4.15 3.10 8.32
C SER B 82 5.52 2.72 7.74
N VAL B 83 5.73 1.45 7.38
CA VAL B 83 6.92 1.07 6.57
C VAL B 83 6.53 1.23 5.09
N LEU B 84 7.24 2.10 4.32
CA LEU B 84 6.89 2.41 2.90
C LEU B 84 7.62 1.43 1.97
N ILE B 85 7.06 0.23 1.81
CA ILE B 85 7.69 -0.85 1.01
C ILE B 85 7.39 -0.61 -0.49
N LYS B 86 8.43 -0.64 -1.33
CA LYS B 86 8.31 -0.80 -2.82
C LYS B 86 8.77 -2.20 -3.23
N ARG B 87 8.06 -2.76 -4.20
CA ARG B 87 8.30 -4.14 -4.71
C ARG B 87 8.71 -4.01 -6.18
N ASP B 88 9.55 -4.94 -6.67
CA ASP B 88 9.97 -4.95 -8.10
C ASP B 88 8.77 -5.21 -9.04
N SER B 89 7.67 -5.75 -8.49
CA SER B 89 6.34 -5.86 -9.21
C SER B 89 5.76 -4.51 -9.67
N GLY B 90 6.14 -3.40 -9.06
CA GLY B 90 5.47 -2.09 -9.20
C GLY B 90 4.45 -1.81 -8.07
N GLU B 91 4.30 -2.71 -7.10
CA GLU B 91 3.43 -2.46 -5.90
C GLU B 91 4.11 -1.55 -4.88
N LEU B 92 3.29 -0.67 -4.31
CA LEU B 92 3.59 0.20 -3.14
C LEU B 92 2.78 -0.39 -1.96
N LEU B 93 3.43 -0.74 -0.86
CA LEU B 93 2.78 -1.48 0.25
C LEU B 93 3.05 -0.78 1.58
N PRO B 94 2.25 0.24 1.94
CA PRO B 94 2.41 0.87 3.25
C PRO B 94 1.79 -0.09 4.28
N LEU B 95 2.57 -0.50 5.27
CA LEU B 95 2.07 -1.34 6.39
C LEU B 95 2.28 -0.66 7.76
N ALA B 96 1.21 -0.70 8.58
CA ALA B 96 1.24 -0.16 9.97
C ALA B 96 2.12 -1.05 10.84
N VAL B 97 2.98 -0.44 11.63
CA VAL B 97 3.91 -1.16 12.54
C VAL B 97 3.82 -0.50 13.91
N ARG B 98 3.45 -1.24 14.94
CA ARG B 98 3.39 -0.69 16.32
C ARG B 98 4.81 -0.79 16.89
N MET B 99 5.39 0.34 17.33
CA MET B 99 6.83 0.43 17.71
C MET B 99 7.04 0.25 19.24
N GLY B 100 8.06 -0.55 19.56
CA GLY B 100 8.55 -0.88 20.90
C GLY B 100 9.92 -0.30 21.23
N ALA B 101 10.56 -0.92 22.19
CA ALA B 101 11.86 -0.45 22.73
C ALA B 101 12.96 -0.67 21.69
N ILE B 102 14.00 0.14 21.79
CA ILE B 102 15.33 -0.14 21.16
C ILE B 102 15.98 -1.30 21.91
N ALA B 103 16.51 -2.26 21.15
CA ALA B 103 17.12 -3.49 21.70
C ALA B 103 18.08 -4.14 20.69
N SER B 104 18.90 -5.07 21.20
N SER B 104 18.93 -5.05 21.19
CA SER B 104 19.68 -6.03 20.37
CA SER B 104 19.68 -6.03 20.38
C SER B 104 18.88 -7.33 20.29
C SER B 104 18.84 -7.31 20.30
N MET B 105 18.38 -7.69 19.10
CA MET B 105 17.40 -8.78 18.93
C MET B 105 17.98 -9.90 18.09
N ARG B 106 17.66 -11.14 18.44
CA ARG B 106 18.07 -12.33 17.65
C ARG B 106 17.02 -12.55 16.56
N ILE B 107 17.40 -12.35 15.29
CA ILE B 107 16.49 -12.47 14.10
C ILE B 107 17.15 -13.44 13.11
N GLN B 108 16.60 -14.64 12.95
CA GLN B 108 17.07 -15.68 11.99
C GLN B 108 18.58 -15.87 12.16
N GLY B 109 19.00 -16.09 13.41
CA GLY B 109 20.37 -16.50 13.77
C GLY B 109 21.38 -15.37 13.87
N ARG B 110 20.99 -14.09 13.77
CA ARG B 110 21.94 -12.94 13.85
C ARG B 110 21.42 -11.88 14.82
N LEU B 111 22.34 -11.14 15.45
CA LEU B 111 21.98 -10.02 16.37
C LEU B 111 21.82 -8.76 15.53
N VAL B 112 20.72 -8.07 15.74
CA VAL B 112 20.41 -6.82 15.03
C VAL B 112 20.01 -5.78 16.06
N HIS B 113 20.67 -4.62 16.08
CA HIS B 113 20.33 -3.53 17.03
C HIS B 113 19.46 -2.48 16.34
N GLY B 114 18.31 -2.17 16.93
CA GLY B 114 17.43 -1.08 16.44
C GLY B 114 16.14 -1.04 17.23
N GLN B 115 15.14 -0.35 16.70
CA GLN B 115 13.83 -0.20 17.36
C GLN B 115 12.94 -1.39 16.92
N SER B 116 12.46 -2.17 17.88
CA SER B 116 11.52 -3.27 17.64
C SER B 116 10.19 -2.72 17.13
N GLY B 117 9.48 -3.52 16.35
CA GLY B 117 8.09 -3.25 15.91
C GLY B 117 7.32 -4.53 15.63
N MET B 118 6.00 -4.44 15.67
CA MET B 118 5.07 -5.54 15.27
C MET B 118 4.03 -5.03 14.27
N LEU B 119 3.79 -5.76 13.17
CA LEU B 119 2.80 -5.33 12.13
C LEU B 119 1.37 -5.45 12.69
N LEU B 120 0.46 -4.54 12.35
CA LEU B 120 -0.97 -4.66 12.74
C LEU B 120 -1.66 -5.77 11.93
N THR B 121 -1.08 -6.27 10.81
CA THR B 121 -1.64 -7.44 10.05
C THR B 121 -1.47 -8.72 10.89
N GLY B 122 -0.40 -8.82 11.68
CA GLY B 122 -0.22 -9.77 12.79
C GLY B 122 -0.27 -11.24 12.42
N ALA B 123 -1.47 -11.80 12.31
CA ALA B 123 -1.78 -13.23 12.53
C ALA B 123 -0.67 -14.08 11.91
N ASN B 124 -0.62 -14.16 10.56
CA ASN B 124 0.55 -14.73 9.84
C ASN B 124 0.26 -14.69 8.34
N ALA B 125 0.62 -15.75 7.62
CA ALA B 125 0.22 -16.04 6.23
C ALA B 125 0.21 -14.73 5.42
N LYS B 126 1.35 -14.03 5.42
CA LYS B 126 1.49 -12.69 4.79
C LYS B 126 1.57 -12.83 3.27
N GLY B 127 1.54 -14.08 2.75
CA GLY B 127 1.57 -14.45 1.32
C GLY B 127 0.41 -13.83 0.58
N MET B 128 0.17 -12.54 0.85
CA MET B 128 -1.03 -11.75 0.48
C MET B 128 -0.69 -10.24 0.44
N ASP B 129 0.58 -9.81 0.43
CA ASP B 129 0.94 -8.38 0.55
C ASP B 129 0.62 -7.89 1.98
N LEU B 130 0.95 -8.71 2.98
CA LEU B 130 0.57 -8.40 4.38
C LEU B 130 1.80 -8.42 5.32
N GLY B 131 3.00 -8.57 4.79
CA GLY B 131 4.21 -8.72 5.62
C GLY B 131 5.45 -8.33 4.83
N THR B 132 6.62 -8.33 5.49
CA THR B 132 7.89 -7.95 4.81
C THR B 132 8.54 -9.19 4.20
N ILE B 133 9.42 -8.98 3.23
CA ILE B 133 10.28 -10.01 2.61
C ILE B 133 11.73 -9.50 2.62
N PRO B 134 12.75 -10.36 2.47
CA PRO B 134 14.15 -9.88 2.58
C PRO B 134 14.53 -8.71 1.65
N GLY B 135 13.97 -8.67 0.43
CA GLY B 135 14.32 -7.65 -0.57
C GLY B 135 13.81 -6.26 -0.18
N ASP B 136 13.03 -6.17 0.90
CA ASP B 136 12.43 -4.87 1.36
C ASP B 136 13.40 -4.04 2.21
N CYS B 137 14.57 -4.55 2.58
CA CYS B 137 15.50 -3.83 3.48
C CYS B 137 15.90 -2.47 2.87
N GLY B 138 15.96 -1.46 3.74
CA GLY B 138 16.22 -0.04 3.43
C GLY B 138 14.93 0.77 3.33
N ALA B 139 13.76 0.13 3.25
CA ALA B 139 12.45 0.86 3.22
C ALA B 139 12.32 1.75 4.46
N PRO B 140 11.80 3.00 4.35
CA PRO B 140 11.69 3.87 5.50
C PRO B 140 10.50 3.63 6.44
N TYR B 141 10.71 3.94 7.72
CA TYR B 141 9.67 3.99 8.77
C TYR B 141 9.27 5.47 8.94
N VAL B 142 8.01 5.82 8.70
CA VAL B 142 7.52 7.23 8.82
C VAL B 142 6.24 7.28 9.66
N TYR B 143 5.95 8.47 10.21
CA TYR B 143 4.65 8.72 10.84
C TYR B 143 4.33 10.22 10.79
N LYS B 144 3.03 10.54 10.91
CA LYS B 144 2.56 11.94 10.87
C LYS B 144 2.48 12.45 12.31
N ARG B 145 3.08 13.61 12.56
CA ARG B 145 3.07 14.29 13.86
C ARG B 145 2.71 15.75 13.57
N ALA B 146 1.61 16.24 14.12
CA ALA B 146 1.00 17.54 13.71
C ALA B 146 0.72 17.47 12.20
N ASN B 147 1.19 18.47 11.45
CA ASN B 147 1.00 18.50 9.98
C ASN B 147 2.26 17.93 9.32
N ASP B 148 3.16 17.35 10.12
CA ASP B 148 4.54 17.06 9.68
C ASP B 148 4.73 15.55 9.61
N TRP B 149 5.31 15.08 8.51
CA TRP B 149 5.85 13.70 8.41
C TRP B 149 7.23 13.64 9.09
N VAL B 150 7.50 12.58 9.79
CA VAL B 150 8.80 12.27 10.45
C VAL B 150 9.29 10.95 9.84
N VAL B 151 10.58 10.92 9.50
CA VAL B 151 11.22 9.63 9.14
C VAL B 151 12.06 9.24 10.36
N CYS B 152 11.89 8.02 10.87
CA CYS B 152 12.62 7.63 12.10
C CYS B 152 13.48 6.38 11.94
N GLY B 153 13.65 5.83 10.73
CA GLY B 153 14.67 4.77 10.50
C GLY B 153 14.40 3.99 9.23
N VAL B 154 15.11 2.88 9.07
CA VAL B 154 15.13 2.07 7.83
C VAL B 154 14.94 0.60 8.20
N HIS B 155 14.24 -0.14 7.34
CA HIS B 155 14.02 -1.59 7.56
C HIS B 155 15.34 -2.42 7.51
N ALA B 156 15.72 -3.09 8.60
CA ALA B 156 17.01 -3.83 8.78
C ALA B 156 16.79 -5.35 8.77
N ALA B 157 15.69 -5.85 9.33
CA ALA B 157 15.45 -7.30 9.48
C ALA B 157 14.00 -7.61 9.87
N ALA B 158 13.61 -8.91 9.73
CA ALA B 158 12.29 -9.41 10.17
C ALA B 158 12.39 -10.88 10.53
N THR B 159 11.53 -11.33 11.43
CA THR B 159 11.37 -12.77 11.75
C THR B 159 10.79 -13.57 10.57
N LYS B 160 10.77 -14.90 10.64
CA LYS B 160 10.31 -15.74 9.50
C LYS B 160 8.88 -15.37 9.08
N SER B 161 7.99 -15.01 10.01
CA SER B 161 6.61 -14.54 9.69
C SER B 161 6.62 -13.27 8.81
N GLY B 162 7.60 -12.37 8.99
CA GLY B 162 7.61 -11.02 8.37
C GLY B 162 6.80 -10.02 9.15
N ASN B 163 6.38 -10.39 10.39
CA ASN B 163 5.47 -9.65 11.32
C ASN B 163 6.17 -9.03 12.55
N THR B 164 7.32 -9.56 13.00
CA THR B 164 8.18 -8.92 14.04
C THR B 164 9.41 -8.36 13.30
N VAL B 165 9.66 -7.05 13.42
CA VAL B 165 10.61 -6.29 12.56
C VAL B 165 11.58 -5.47 13.42
N VAL B 166 12.68 -5.04 12.78
CA VAL B 166 13.68 -4.13 13.38
C VAL B 166 13.92 -2.93 12.44
N CYS B 167 13.75 -1.71 12.95
CA CYS B 167 14.00 -0.40 12.30
C CYS B 167 15.37 0.09 12.79
N ALA B 168 16.39 0.15 11.91
CA ALA B 168 17.72 0.69 12.26
C ALA B 168 17.58 2.21 12.42
N VAL B 169 18.20 2.79 13.44
CA VAL B 169 18.01 4.23 13.76
C VAL B 169 19.37 4.92 13.78
N GLN B 170 19.33 6.23 13.59
CA GLN B 170 20.51 7.15 13.58
C GLN B 170 21.10 7.18 14.99
N ALA B 171 22.42 7.24 15.11
CA ALA B 171 23.18 7.56 16.35
C ALA B 171 22.87 6.53 17.46
C10 JOV C . -15.28 10.64 -15.81
C13 JOV C . -17.95 11.25 -16.24
C01 JOV C . -12.49 8.40 -19.32
C02 JOV C . -13.45 7.55 -18.47
C03 JOV C . -12.68 6.61 -17.54
C04 JOV C . -14.38 6.75 -19.39
O05 JOV C . -15.29 5.90 -18.67
N06 JOV C . -14.29 8.46 -17.58
C07 JOV C . -15.18 9.39 -18.00
O08 JOV C . -15.39 9.57 -19.20
C09 JOV C . -15.92 10.19 -16.97
C11 JOV C . -15.99 11.39 -14.88
C12 JOV C . -17.32 11.69 -15.09
C14 JOV C . -17.25 10.51 -17.18
CL15 JOV C . -19.62 11.69 -16.56
P PO4 D . 0.47 7.79 -4.64
O1 PO4 D . 1.44 7.57 -5.77
O2 PO4 D . 0.44 6.48 -3.76
O3 PO4 D . -0.94 8.10 -5.22
O4 PO4 D . 0.92 8.98 -3.79
P PO4 E . -11.88 10.34 0.82
O1 PO4 E . -11.30 9.97 2.21
O2 PO4 E . -11.18 11.64 0.34
O3 PO4 E . -13.42 10.59 0.94
O4 PO4 E . -11.62 9.16 -0.19
P PO4 F . -20.67 -10.37 7.34
O1 PO4 F . -19.87 -11.66 7.57
O2 PO4 F . -20.05 -9.23 8.18
O3 PO4 F . -22.11 -10.60 7.78
O4 PO4 F . -20.64 -10.02 5.84
S DMS G . -7.36 -13.28 5.31
O DMS G . -5.90 -13.00 5.05
C1 DMS G . -7.54 -15.04 5.27
C2 DMS G . -7.60 -13.06 7.06
S DMS H . -19.02 -14.20 3.93
O DMS H . -19.66 -14.67 2.63
C1 DMS H . -20.17 -13.05 4.65
C2 DMS H . -19.21 -15.54 5.07
S DMS I . -6.21 -3.76 -18.77
O DMS I . -5.80 -3.37 -20.22
C1 DMS I . -5.74 -2.38 -17.74
C2 DMS I . -7.98 -3.51 -18.64
P PO4 J . 11.09 22.82 -4.42
O1 PO4 J . 11.79 21.49 -4.16
O2 PO4 J . 11.48 23.83 -3.34
O3 PO4 J . 9.58 22.59 -4.39
O4 PO4 J . 11.50 23.34 -5.78
S DMS K . 12.91 5.00 22.05
O DMS K . 12.19 6.23 22.52
C1 DMS K . 14.24 4.74 23.21
C2 DMS K . 11.82 3.67 22.44
S DMS L . 16.66 8.98 -8.23
O DMS L . 16.04 9.08 -6.86
C1 DMS L . 18.15 9.97 -8.22
C2 DMS L . 17.44 7.42 -8.28
#